data_4X2O
#
_entry.id   4X2O
#
_cell.length_a   56.724
_cell.length_b   73.007
_cell.length_c   93.182
_cell.angle_alpha   90.00
_cell.angle_beta   90.00
_cell.angle_gamma   90.00
#
_symmetry.space_group_name_H-M   'P 21 21 21'
#
loop_
_entity.id
_entity.type
_entity.pdbx_description
1 polymer 'Putative mRNA export protein'
2 polymer 'Putative uncharacterized protein'
3 polymer 'Putative SAC3 family protein'
4 water water
#
loop_
_entity_poly.entity_id
_entity_poly.type
_entity_poly.pdbx_seq_one_letter_code
_entity_poly.pdbx_strand_id
1 'polypeptide(L)'
;SPTPLPQLPSNVRDGENNVASTFLQAFFQLWDHDRLTLIPQFYDSETTFSVVFATDSPQDPASSSCSKFSRNLNILSPRH
PSTLQRLFVGSNLIADLWKVLPATRHPSLDQTSQWLIDCHTFPHLADPTGMAPYAMGLMINVNGQCEEADISQNLYGTRT
FSRCFILGPSKPGAPHPYRVLSDQLTLHTWKPQ
;
A
2 'polypeptide(L)'
;MLSRRYAAKSFVEWYYRQINENKPVASGYVNNNATYTKAGHPPADITINGRVVATPEEWDTMLKEQRAQHNTSSSSTLPI
GRKPVRYDVDCFDVHVINADYRFAAPQRMIEQHAPTDGVRMMMALTVSGSVYFGASPRSTDDYVIKQHFNDVFILVPNWD
VLEKPGARSGRKYLIASHKYRAY
;
B
3 'polypeptide(L)' FASPAPSNQGSSVFGAPAQST C
#
# COMPACT_ATOMS: atom_id res chain seq x y z
N SER A 1 17.37 -18.11 16.77
CA SER A 1 16.50 -17.42 15.81
C SER A 1 16.56 -15.90 15.94
N PRO A 2 16.88 -15.18 14.83
CA PRO A 2 16.70 -13.73 14.90
C PRO A 2 15.26 -13.38 15.26
N THR A 3 15.04 -12.18 15.82
CA THR A 3 13.73 -11.79 16.36
C THR A 3 12.98 -10.83 15.42
N PRO A 4 11.75 -11.19 15.00
CA PRO A 4 11.03 -10.28 14.08
C PRO A 4 10.77 -8.90 14.67
N LEU A 5 10.67 -7.88 13.83
CA LEU A 5 10.35 -6.53 14.30
C LEU A 5 9.12 -6.57 15.23
N PRO A 6 9.14 -5.81 16.33
CA PRO A 6 7.96 -5.76 17.21
C PRO A 6 6.69 -5.37 16.47
N GLN A 7 5.55 -5.93 16.87
CA GLN A 7 4.26 -5.66 16.24
C GLN A 7 3.37 -4.85 17.18
N LEU A 8 3.04 -3.61 16.78
CA LEU A 8 2.15 -2.77 17.56
C LEU A 8 0.76 -2.69 16.96
N PRO A 9 -0.22 -2.19 17.74
CA PRO A 9 -1.58 -2.08 17.25
C PRO A 9 -1.71 -1.06 16.12
N SER A 10 -2.91 -0.95 15.58
CA SER A 10 -3.23 0.06 14.59
C SER A 10 -2.70 1.45 14.95
N ASN A 11 -2.11 2.12 13.97
CA ASN A 11 -1.62 3.48 14.14
C ASN A 11 -2.48 4.42 13.32
N VAL A 12 -3.49 4.98 13.98
CA VAL A 12 -4.50 5.79 13.29
C VAL A 12 -4.18 7.25 13.54
N ARG A 13 -3.62 7.89 12.53
CA ARG A 13 -3.35 9.33 12.59
C ARG A 13 -4.15 10.08 11.52
N ASP A 14 -5.47 10.13 11.62
CA ASP A 14 -6.11 10.87 10.51
C ASP A 14 -6.31 12.24 11.06
N GLY A 15 -6.88 13.07 10.21
CA GLY A 15 -7.09 14.45 10.59
C GLY A 15 -8.24 14.50 11.57
N GLU A 16 -8.51 15.71 12.03
CA GLU A 16 -9.50 15.92 13.09
C GLU A 16 -10.90 15.58 12.65
N ASN A 17 -11.19 15.59 11.36
CA ASN A 17 -12.55 15.30 10.91
C ASN A 17 -12.92 13.81 10.97
N ASN A 18 -11.95 12.98 11.33
CA ASN A 18 -12.15 11.53 11.52
C ASN A 18 -12.74 10.82 10.32
N VAL A 19 -12.32 11.23 9.13
CA VAL A 19 -12.82 10.60 7.92
C VAL A 19 -12.46 9.11 7.82
N ALA A 20 -11.28 8.73 8.31
CA ALA A 20 -10.89 7.32 8.24
C ALA A 20 -11.89 6.47 9.00
N SER A 21 -12.42 6.99 10.11
CA SER A 21 -13.38 6.23 10.88
C SER A 21 -14.72 6.12 10.16
N THR A 22 -15.24 7.27 9.74
CA THR A 22 -16.52 7.34 9.04
C THR A 22 -16.49 6.46 7.79
N PHE A 23 -15.43 6.64 7.00
CA PHE A 23 -15.29 5.82 5.79
C PHE A 23 -15.18 4.33 6.07
N LEU A 24 -14.30 3.92 6.99
CA LEU A 24 -14.10 2.48 7.14
C LEU A 24 -15.29 1.80 7.83
N GLN A 25 -15.96 2.52 8.73
CA GLN A 25 -17.14 1.96 9.39
C GLN A 25 -18.21 1.68 8.33
N ALA A 26 -18.37 2.61 7.40
CA ALA A 26 -19.33 2.43 6.31
C ALA A 26 -18.83 1.35 5.34
N PHE A 27 -17.52 1.35 5.07
CA PHE A 27 -16.99 0.52 4.01
C PHE A 27 -17.20 -0.96 4.28
N PHE A 28 -16.76 -1.43 5.44
CA PHE A 28 -16.84 -2.85 5.69
C PHE A 28 -18.27 -3.29 6.01
N GLN A 29 -19.08 -2.41 6.57
CA GLN A 29 -20.47 -2.80 6.76
C GLN A 29 -21.15 -3.00 5.40
N LEU A 30 -20.98 -2.03 4.50
CA LEU A 30 -21.63 -2.09 3.20
C LEU A 30 -20.99 -3.16 2.31
N TRP A 31 -19.68 -3.36 2.44
CA TRP A 31 -19.05 -4.44 1.68
C TRP A 31 -19.72 -5.78 1.94
N ASP A 32 -20.07 -6.03 3.20
CA ASP A 32 -20.77 -7.25 3.59
C ASP A 32 -22.26 -7.28 3.19
N HIS A 33 -22.95 -6.15 3.37
CA HIS A 33 -24.41 -6.17 3.30
C HIS A 33 -25.06 -5.40 2.16
N ASP A 34 -24.33 -4.47 1.53
CA ASP A 34 -24.92 -3.64 0.45
C ASP A 34 -23.80 -3.03 -0.40
N ARG A 35 -23.06 -3.91 -1.06
CA ARG A 35 -21.73 -3.55 -1.54
C ARG A 35 -21.71 -2.46 -2.60
N LEU A 36 -22.66 -2.51 -3.53
CA LEU A 36 -22.61 -1.64 -4.70
C LEU A 36 -22.97 -0.19 -4.37
N THR A 37 -23.59 0.01 -3.22
CA THR A 37 -23.93 1.35 -2.79
C THR A 37 -22.68 2.19 -2.47
N LEU A 38 -21.58 1.51 -2.20
CA LEU A 38 -20.32 2.21 -1.99
C LEU A 38 -19.87 3.05 -3.17
N ILE A 39 -20.16 2.60 -4.39
CA ILE A 39 -19.60 3.22 -5.57
C ILE A 39 -20.15 4.66 -5.80
N PRO A 40 -21.47 4.83 -5.78
CA PRO A 40 -21.97 6.20 -5.93
C PRO A 40 -21.59 7.11 -4.77
N GLN A 41 -21.38 6.56 -3.60
CA GLN A 41 -21.01 7.38 -2.45
C GLN A 41 -19.58 7.91 -2.52
N PHE A 42 -18.65 7.05 -2.94
CA PHE A 42 -17.22 7.32 -2.77
C PHE A 42 -16.36 7.17 -4.05
N TYR A 43 -16.88 6.52 -5.10
CA TYR A 43 -16.08 6.21 -6.29
C TYR A 43 -16.52 7.13 -7.43
N ASP A 44 -15.59 7.56 -8.29
CA ASP A 44 -15.97 8.39 -9.43
C ASP A 44 -15.24 7.94 -10.68
N SER A 45 -15.33 8.73 -11.75
CA SER A 45 -14.86 8.30 -13.06
C SER A 45 -13.36 8.13 -13.09
N GLU A 46 -12.65 8.71 -12.12
CA GLU A 46 -11.20 8.59 -12.06
C GLU A 46 -10.67 7.52 -11.10
N THR A 47 -11.54 6.91 -10.28
CA THR A 47 -11.04 5.95 -9.29
C THR A 47 -10.52 4.72 -9.98
N THR A 48 -9.42 4.19 -9.46
CA THR A 48 -8.88 2.94 -9.93
C THR A 48 -8.91 1.87 -8.85
N PHE A 49 -9.13 0.64 -9.29
CA PHE A 49 -9.27 -0.49 -8.39
C PHE A 49 -8.45 -1.67 -8.94
N SER A 50 -7.71 -2.32 -8.06
CA SER A 50 -6.98 -3.53 -8.37
C SER A 50 -7.31 -4.63 -7.37
N VAL A 51 -7.36 -5.87 -7.84
CA VAL A 51 -7.36 -7.00 -6.90
C VAL A 51 -6.23 -7.91 -7.29
N VAL A 52 -5.45 -8.28 -6.28
CA VAL A 52 -4.23 -9.06 -6.46
C VAL A 52 -4.31 -10.30 -5.59
N PHE A 53 -3.53 -11.31 -5.98
CA PHE A 53 -3.35 -12.54 -5.21
C PHE A 53 -1.89 -12.71 -4.78
N ALA A 54 -1.68 -13.14 -3.54
CA ALA A 54 -0.35 -13.36 -3.01
C ALA A 54 -0.14 -14.83 -2.64
N GLN A 59 -10.85 -24.93 -2.23
CA GLN A 59 -10.39 -24.03 -3.29
C GLN A 59 -10.79 -22.58 -2.98
N ASP A 60 -10.04 -21.65 -3.56
CA ASP A 60 -10.24 -20.23 -3.31
C ASP A 60 -11.42 -19.69 -4.14
N PRO A 61 -12.52 -19.28 -3.47
CA PRO A 61 -13.69 -18.74 -4.20
C PRO A 61 -13.34 -17.54 -5.08
N ALA A 62 -12.51 -16.65 -4.56
CA ALA A 62 -12.14 -15.45 -5.30
C ALA A 62 -11.28 -15.81 -6.52
N SER A 63 -10.41 -16.81 -6.37
CA SER A 63 -9.51 -17.21 -7.45
C SER A 63 -10.28 -17.59 -8.72
N SER A 64 -11.24 -18.50 -8.59
CA SER A 64 -12.04 -18.92 -9.74
C SER A 64 -12.86 -17.75 -10.30
N SER A 65 -13.29 -16.85 -9.41
CA SER A 65 -14.08 -15.69 -9.82
C SER A 65 -13.28 -14.70 -10.67
N CYS A 66 -12.11 -14.28 -10.18
CA CYS A 66 -11.30 -13.30 -10.90
C CYS A 66 -10.70 -13.91 -12.17
N SER A 67 -10.45 -15.22 -12.14
CA SER A 67 -10.00 -15.94 -13.34
C SER A 67 -10.98 -15.75 -14.50
N LYS A 68 -12.23 -16.14 -14.29
CA LYS A 68 -13.25 -16.07 -15.33
C LYS A 68 -13.51 -14.64 -15.78
N PHE A 69 -13.54 -13.71 -14.82
CA PHE A 69 -13.74 -12.30 -15.12
C PHE A 69 -12.65 -11.78 -16.08
N SER A 70 -11.40 -12.13 -15.82
CA SER A 70 -10.27 -11.64 -16.59
C SER A 70 -10.19 -12.26 -18.00
N ARG A 71 -10.50 -13.55 -18.09
CA ARG A 71 -10.53 -14.24 -19.39
C ARG A 71 -11.51 -13.53 -20.31
N ASN A 72 -12.71 -13.29 -19.80
CA ASN A 72 -13.70 -12.51 -20.52
C ASN A 72 -13.26 -11.06 -20.62
N LEU A 73 -13.97 -10.28 -21.42
CA LEU A 73 -13.68 -8.86 -21.56
C LEU A 73 -14.31 -8.07 -20.43
N LEU A 84 -0.67 -16.29 -7.02
CA LEU A 84 -0.11 -14.98 -7.35
C LEU A 84 -0.54 -14.51 -8.75
N GLN A 85 -1.33 -13.44 -8.80
CA GLN A 85 -1.91 -12.93 -10.05
C GLN A 85 -2.67 -11.62 -9.82
N ARG A 86 -2.75 -10.79 -10.85
CA ARG A 86 -3.20 -9.39 -10.72
C ARG A 86 -4.34 -9.05 -11.69
N LEU A 87 -5.22 -8.15 -11.26
CA LEU A 87 -6.34 -7.70 -12.06
C LEU A 87 -6.68 -6.23 -11.76
N PHE A 88 -6.49 -5.34 -12.75
CA PHE A 88 -6.64 -3.88 -12.59
C PHE A 88 -7.77 -3.32 -13.44
N VAL A 89 -8.66 -2.51 -12.84
CA VAL A 89 -9.78 -1.95 -13.59
C VAL A 89 -10.09 -0.51 -13.24
N GLY A 90 -10.68 0.15 -14.23
CA GLY A 90 -11.13 1.51 -14.09
C GLY A 90 -12.57 1.52 -13.70
N SER A 91 -13.12 2.72 -13.52
CA SER A 91 -14.43 2.91 -12.91
C SER A 91 -15.54 2.21 -13.69
N ASN A 92 -15.30 2.01 -14.99
CA ASN A 92 -16.28 1.36 -15.85
C ASN A 92 -16.55 -0.11 -15.50
N LEU A 93 -15.57 -0.79 -14.93
CA LEU A 93 -15.74 -2.19 -14.58
C LEU A 93 -15.81 -2.49 -13.07
N ILE A 94 -15.70 -1.47 -12.21
CA ILE A 94 -15.56 -1.76 -10.77
C ILE A 94 -16.78 -2.52 -10.23
N ALA A 95 -17.98 -2.06 -10.58
CA ALA A 95 -19.21 -2.68 -10.09
C ALA A 95 -19.28 -4.14 -10.53
N ASP A 96 -18.97 -4.38 -11.80
CA ASP A 96 -19.10 -5.69 -12.37
C ASP A 96 -18.15 -6.64 -11.69
N LEU A 97 -16.97 -6.14 -11.36
CA LEU A 97 -16.00 -6.96 -10.68
C LEU A 97 -16.44 -7.22 -9.24
N TRP A 98 -16.87 -6.17 -8.58
CA TRP A 98 -17.30 -6.31 -7.19
C TRP A 98 -18.47 -7.30 -7.02
N LYS A 99 -19.35 -7.35 -8.02
CA LYS A 99 -20.46 -8.31 -8.05
C LYS A 99 -19.98 -9.75 -7.98
N VAL A 100 -18.82 -10.00 -8.58
CA VAL A 100 -18.26 -11.33 -8.72
C VAL A 100 -17.41 -11.74 -7.52
N LEU A 101 -17.00 -10.75 -6.72
CA LEU A 101 -16.22 -11.08 -5.53
C LEU A 101 -17.09 -11.75 -4.47
N PRO A 102 -16.50 -12.66 -3.67
CA PRO A 102 -17.24 -13.49 -2.71
C PRO A 102 -18.05 -12.71 -1.71
N ALA A 103 -19.11 -13.32 -1.19
CA ALA A 103 -19.84 -12.76 -0.06
C ALA A 103 -18.92 -12.82 1.14
N THR A 104 -19.05 -11.84 2.02
CA THR A 104 -18.17 -11.69 3.15
C THR A 104 -18.91 -11.34 4.45
N ARG A 105 -18.30 -11.71 5.57
CA ARG A 105 -18.64 -11.12 6.86
C ARG A 105 -17.34 -10.77 7.58
N HIS A 106 -17.13 -9.46 7.80
CA HIS A 106 -15.96 -8.97 8.53
C HIS A 106 -16.29 -8.78 9.98
N PRO A 107 -15.30 -8.95 10.86
CA PRO A 107 -15.54 -8.61 12.27
C PRO A 107 -15.76 -7.12 12.46
N SER A 108 -16.49 -6.78 13.51
CA SER A 108 -16.68 -5.40 13.87
C SER A 108 -15.35 -4.69 14.08
N LEU A 109 -15.31 -3.39 13.76
CA LEU A 109 -14.05 -2.63 13.86
C LEU A 109 -13.66 -2.39 15.30
N ASP A 110 -14.60 -2.57 16.22
CA ASP A 110 -14.27 -2.38 17.62
C ASP A 110 -13.65 -3.65 18.21
N GLN A 111 -13.51 -4.72 17.42
CA GLN A 111 -12.69 -5.87 17.82
C GLN A 111 -11.28 -5.49 17.41
N THR A 112 -10.66 -4.60 18.18
CA THR A 112 -9.50 -3.86 17.67
C THR A 112 -8.33 -4.76 17.35
N SER A 113 -8.18 -5.89 18.05
CA SER A 113 -7.02 -6.73 17.81
C SER A 113 -7.18 -7.57 16.55
N GLN A 114 -8.36 -7.53 15.93
CA GLN A 114 -8.55 -8.28 14.71
C GLN A 114 -8.26 -7.42 13.49
N TRP A 115 -7.92 -6.15 13.73
CA TRP A 115 -7.61 -5.22 12.65
C TRP A 115 -6.26 -4.56 12.82
N LEU A 116 -5.55 -4.40 11.72
CA LEU A 116 -4.33 -3.60 11.67
C LEU A 116 -4.59 -2.51 10.67
N ILE A 117 -4.95 -1.34 11.18
CA ILE A 117 -5.30 -0.18 10.35
C ILE A 117 -4.35 0.96 10.61
N ASP A 118 -3.61 1.35 9.58
CA ASP A 118 -2.62 2.41 9.71
C ASP A 118 -3.02 3.51 8.76
N CYS A 119 -3.06 4.74 9.25
CA CYS A 119 -3.41 5.81 8.33
C CYS A 119 -2.71 7.11 8.67
N HIS A 120 -2.51 7.97 7.65
CA HIS A 120 -1.98 9.30 7.86
C HIS A 120 -2.41 10.20 6.70
N THR A 121 -2.40 11.50 6.97
CA THR A 121 -2.63 12.53 5.96
C THR A 121 -1.31 12.92 5.31
N PHE A 122 -1.34 13.20 4.01
CA PHE A 122 -0.11 13.47 3.26
C PHE A 122 -0.36 14.55 2.23
N PRO A 123 0.72 15.24 1.81
CA PRO A 123 0.53 16.37 0.89
C PRO A 123 0.63 16.03 -0.60
N HIS A 124 0.14 16.98 -1.39
CA HIS A 124 0.43 17.16 -2.79
C HIS A 124 -0.37 16.28 -3.77
N LEU A 125 -1.57 15.86 -3.37
CA LEU A 125 -2.62 15.54 -4.35
C LEU A 125 -2.98 16.78 -5.15
N ALA A 126 -3.65 16.58 -6.28
CA ALA A 126 -4.25 17.67 -7.04
C ALA A 126 -5.53 18.12 -6.37
N ASP A 127 -5.83 19.39 -6.57
CA ASP A 127 -7.08 20.02 -6.09
C ASP A 127 -8.10 19.98 -7.22
N PRO A 128 -9.15 19.14 -7.10
CA PRO A 128 -10.09 19.00 -8.21
C PRO A 128 -10.88 20.27 -8.50
N THR A 129 -10.93 21.22 -7.57
CA THR A 129 -11.59 22.51 -7.84
C THR A 129 -10.70 23.45 -8.63
N GLY A 130 -9.41 23.13 -8.68
CA GLY A 130 -8.44 23.97 -9.37
C GLY A 130 -8.15 25.29 -8.68
N MET A 131 -8.62 25.45 -7.46
CA MET A 131 -8.45 26.74 -6.78
C MET A 131 -7.10 26.81 -6.09
N ALA A 132 -6.47 25.64 -5.86
CA ALA A 132 -5.19 25.58 -5.19
C ALA A 132 -4.29 24.61 -5.94
N PRO A 133 -2.98 24.74 -5.76
CA PRO A 133 -2.10 23.84 -6.51
C PRO A 133 -2.03 22.46 -5.91
N TYR A 134 -2.35 22.32 -4.62
CA TYR A 134 -2.21 21.05 -3.91
C TYR A 134 -3.38 20.80 -2.98
N ALA A 135 -3.65 19.53 -2.71
CA ALA A 135 -4.61 19.16 -1.69
C ALA A 135 -4.05 18.04 -0.82
N MET A 136 -4.46 17.99 0.45
CA MET A 136 -4.07 16.88 1.31
C MET A 136 -4.83 15.61 0.93
N GLY A 137 -4.14 14.49 1.11
CA GLY A 137 -4.75 13.20 0.90
C GLY A 137 -4.72 12.41 2.21
N LEU A 138 -5.41 11.29 2.22
CA LEU A 138 -5.46 10.38 3.36
C LEU A 138 -5.16 8.98 2.89
N MET A 139 -4.10 8.39 3.43
CA MET A 139 -3.71 7.03 3.10
C MET A 139 -4.17 6.13 4.23
N ILE A 140 -4.94 5.12 3.89
CA ILE A 140 -5.43 4.11 4.84
C ILE A 140 -5.03 2.71 4.40
N ASN A 141 -4.19 2.04 5.18
CA ASN A 141 -3.91 0.66 4.86
C ASN A 141 -4.43 -0.28 5.94
N VAL A 142 -5.13 -1.30 5.47
CA VAL A 142 -5.83 -2.27 6.31
C VAL A 142 -5.28 -3.66 6.12
N ASN A 143 -4.96 -4.35 7.22
CA ASN A 143 -4.71 -5.79 7.19
C ASN A 143 -5.72 -6.43 8.13
N GLY A 144 -6.53 -7.33 7.59
CA GLY A 144 -7.60 -7.92 8.34
C GLY A 144 -7.94 -9.31 7.89
N GLN A 145 -9.05 -9.80 8.42
CA GLN A 145 -9.57 -11.09 8.06
C GLN A 145 -11.07 -10.99 7.89
N CYS A 146 -11.64 -11.94 7.17
CA CYS A 146 -13.09 -12.06 7.09
C CYS A 146 -13.50 -13.49 6.78
N GLU A 147 -14.76 -13.82 7.04
CA GLU A 147 -15.37 -15.04 6.55
C GLU A 147 -15.78 -14.81 5.11
N GLU A 148 -15.42 -15.73 4.23
CA GLU A 148 -15.85 -15.69 2.84
C GLU A 148 -16.67 -16.92 2.53
N ALA A 149 -17.68 -16.72 1.69
CA ALA A 149 -18.56 -17.80 1.30
C ALA A 149 -18.86 -17.67 -0.18
N ASP A 150 -18.96 -18.82 -0.84
CA ASP A 150 -19.53 -18.91 -2.18
C ASP A 150 -20.62 -19.97 -2.17
N ILE A 151 -21.87 -19.50 -2.19
CA ILE A 151 -23.04 -20.38 -1.98
C ILE A 151 -23.08 -21.52 -2.99
N SER A 152 -22.94 -21.19 -4.26
CA SER A 152 -23.04 -22.17 -5.33
C SER A 152 -22.04 -23.31 -5.19
N GLN A 153 -20.78 -22.96 -4.94
CA GLN A 153 -19.71 -23.97 -4.86
C GLN A 153 -19.50 -24.50 -3.45
N ASN A 154 -20.44 -24.21 -2.56
CA ASN A 154 -20.37 -24.71 -1.19
C ASN A 154 -19.02 -24.44 -0.54
N LEU A 155 -18.37 -23.35 -0.95
CA LEU A 155 -17.06 -22.96 -0.44
C LEU A 155 -17.17 -21.90 0.64
N TYR A 156 -16.76 -22.26 1.86
CA TYR A 156 -16.79 -21.37 3.01
C TYR A 156 -15.46 -21.38 3.73
N GLY A 157 -14.95 -20.21 4.09
CA GLY A 157 -13.64 -20.15 4.72
C GLY A 157 -13.26 -18.79 5.27
N THR A 158 -12.02 -18.69 5.77
CA THR A 158 -11.49 -17.47 6.35
C THR A 158 -10.38 -16.88 5.46
N ARG A 159 -10.54 -15.62 5.10
CA ARG A 159 -9.60 -14.90 4.25
C ARG A 159 -8.77 -13.98 5.09
N THR A 160 -7.47 -13.94 4.83
CA THR A 160 -6.62 -12.86 5.30
C THR A 160 -6.36 -11.93 4.11
N PHE A 161 -6.48 -10.62 4.33
CA PHE A 161 -6.34 -9.68 3.23
C PHE A 161 -5.64 -8.40 3.65
N SER A 162 -5.19 -7.67 2.63
CA SER A 162 -4.71 -6.30 2.74
C SER A 162 -5.56 -5.44 1.82
N ARG A 163 -5.82 -4.21 2.24
CA ARG A 163 -6.52 -3.28 1.38
C ARG A 163 -6.01 -1.88 1.64
N CYS A 164 -5.49 -1.24 0.58
CA CYS A 164 -4.95 0.11 0.70
C CYS A 164 -5.85 1.10 -0.04
N PHE A 165 -6.31 2.11 0.68
CA PHE A 165 -7.13 3.19 0.13
C PHE A 165 -6.34 4.49 0.12
N ILE A 166 -6.41 5.22 -0.98
CA ILE A 166 -6.06 6.62 -0.98
C ILE A 166 -7.31 7.48 -1.15
N LEU A 167 -7.54 8.37 -0.20
CA LEU A 167 -8.69 9.25 -0.23
C LEU A 167 -8.21 10.69 -0.46
N GLY A 168 -9.04 11.50 -1.09
CA GLY A 168 -8.70 12.88 -1.34
C GLY A 168 -9.96 13.68 -1.53
N PRO A 169 -9.82 15.00 -1.75
CA PRO A 169 -11.04 15.78 -1.93
C PRO A 169 -11.84 15.33 -3.17
N SER A 170 -13.16 15.32 -3.03
CA SER A 170 -14.03 14.88 -4.11
C SER A 170 -14.24 15.98 -5.15
N LYS A 171 -14.76 15.59 -6.31
CA LYS A 171 -15.13 16.57 -7.31
C LYS A 171 -16.33 17.39 -6.84
N PRO A 172 -16.41 18.66 -7.27
CA PRO A 172 -17.62 19.46 -7.00
C PRO A 172 -18.92 18.69 -7.25
N GLY A 173 -19.82 18.70 -6.27
CA GLY A 173 -21.12 18.09 -6.45
C GLY A 173 -21.23 16.68 -5.92
N ALA A 174 -20.09 16.04 -5.63
CA ALA A 174 -20.08 14.64 -5.17
C ALA A 174 -20.87 14.52 -3.88
N PRO A 175 -21.31 13.31 -3.54
CA PRO A 175 -22.09 13.08 -2.31
C PRO A 175 -21.36 13.38 -1.03
N HIS A 176 -20.05 13.14 -0.99
CA HIS A 176 -19.24 13.44 0.17
C HIS A 176 -18.10 14.38 -0.21
N PRO A 177 -17.53 15.07 0.78
CA PRO A 177 -16.44 15.97 0.44
C PRO A 177 -15.13 15.24 0.10
N TYR A 178 -15.07 13.93 0.29
CA TYR A 178 -13.90 13.13 -0.08
C TYR A 178 -14.33 12.02 -1.03
N ARG A 179 -13.35 11.46 -1.73
CA ARG A 179 -13.56 10.37 -2.66
C ARG A 179 -12.44 9.36 -2.52
N VAL A 180 -12.66 8.18 -3.06
CA VAL A 180 -11.58 7.19 -3.19
C VAL A 180 -10.84 7.46 -4.51
N LEU A 181 -9.53 7.69 -4.43
CA LEU A 181 -8.70 7.78 -5.64
C LEU A 181 -8.22 6.42 -6.08
N SER A 182 -7.81 5.61 -5.10
CA SER A 182 -7.12 4.37 -5.37
C SER A 182 -7.58 3.37 -4.34
N ASP A 183 -7.88 2.15 -4.77
CA ASP A 183 -8.33 1.04 -3.91
C ASP A 183 -7.60 -0.23 -4.38
N GLN A 184 -6.67 -0.72 -3.57
CA GLN A 184 -5.83 -1.87 -3.90
C GLN A 184 -6.09 -3.00 -2.91
N LEU A 185 -6.75 -4.05 -3.39
CA LEU A 185 -7.12 -5.20 -2.54
C LEU A 185 -6.15 -6.35 -2.82
N THR A 186 -5.58 -6.89 -1.75
CA THR A 186 -4.70 -8.04 -1.87
C THR A 186 -5.32 -9.20 -1.11
N LEU A 187 -5.71 -10.24 -1.83
CA LEU A 187 -6.31 -11.41 -1.21
C LEU A 187 -5.27 -12.49 -1.06
N HIS A 188 -4.63 -12.60 0.10
CA HIS A 188 -3.70 -13.71 0.27
C HIS A 188 -4.44 -14.92 0.86
N THR A 189 -4.10 -15.30 2.07
CA THR A 189 -4.38 -16.65 2.57
C THR A 189 -5.88 -16.93 2.55
N TRP A 190 -6.26 -18.15 2.17
CA TRP A 190 -7.63 -18.64 2.32
C TRP A 190 -7.66 -19.99 3.05
N LYS A 191 -8.16 -20.01 4.28
CA LYS A 191 -8.25 -21.23 5.09
C LYS A 191 -9.68 -21.77 5.05
N PRO A 192 -9.88 -22.94 4.41
CA PRO A 192 -11.23 -23.51 4.33
C PRO A 192 -11.79 -23.85 5.70
N GLN A 193 -13.09 -23.68 5.89
CA GLN A 193 -13.73 -24.01 7.16
C GLN A 193 -15.25 -23.93 7.03
N SER B 3 -0.87 0.42 -16.42
CA SER B 3 0.58 0.45 -16.59
C SER B 3 1.29 1.12 -15.40
N ARG B 4 2.49 1.64 -15.65
CA ARG B 4 3.37 2.23 -14.63
C ARG B 4 3.93 1.17 -13.71
N ARG B 5 3.62 -0.08 -14.01
CA ARG B 5 4.20 -1.18 -13.27
C ARG B 5 5.68 -1.18 -13.45
N TYR B 6 6.11 -0.75 -14.65
CA TYR B 6 7.53 -0.78 -14.97
C TYR B 6 8.30 0.13 -14.03
N ALA B 7 7.72 1.27 -13.66
CA ALA B 7 8.40 2.16 -12.70
C ALA B 7 8.43 1.50 -11.33
N ALA B 8 7.31 0.92 -10.95
CA ALA B 8 7.24 0.29 -9.64
C ALA B 8 8.21 -0.91 -9.60
N LYS B 9 8.34 -1.62 -10.71
CA LYS B 9 9.17 -2.84 -10.71
C LYS B 9 10.62 -2.52 -10.37
N SER B 10 11.13 -1.46 -10.97
CA SER B 10 12.51 -1.10 -10.76
C SER B 10 12.81 -0.63 -9.31
N PHE B 11 11.91 0.15 -8.74
CA PHE B 11 11.97 0.49 -7.32
C PHE B 11 11.92 -0.74 -6.43
N VAL B 12 10.95 -1.60 -6.69
CA VAL B 12 10.76 -2.82 -5.89
C VAL B 12 12.01 -3.69 -5.96
N GLU B 13 12.57 -3.85 -7.14
CA GLU B 13 13.72 -4.74 -7.24
C GLU B 13 14.89 -4.13 -6.47
N TRP B 14 15.08 -2.82 -6.58
CA TRP B 14 16.17 -2.14 -5.86
C TRP B 14 16.00 -2.26 -4.35
N TYR B 15 14.81 -1.90 -3.89
CA TYR B 15 14.54 -1.78 -2.44
C TYR B 15 14.75 -3.10 -1.68
N TYR B 16 14.10 -4.18 -2.11
CA TYR B 16 14.25 -5.45 -1.38
C TYR B 16 15.62 -6.10 -1.61
N ARG B 17 16.26 -5.78 -2.72
CA ARG B 17 17.65 -6.23 -2.92
C ARG B 17 18.62 -5.57 -1.92
N GLN B 18 18.49 -4.27 -1.71
CA GLN B 18 19.30 -3.59 -0.70
C GLN B 18 19.12 -4.27 0.63
N ILE B 19 17.87 -4.48 1.03
CA ILE B 19 17.59 -5.07 2.31
C ILE B 19 18.20 -6.47 2.40
N ASN B 20 18.01 -7.26 1.35
CA ASN B 20 18.49 -8.63 1.37
C ASN B 20 20.01 -8.72 1.27
N GLU B 21 20.66 -7.64 0.82
CA GLU B 21 22.13 -7.57 0.78
C GLU B 21 22.71 -6.78 1.97
N ASN B 22 21.89 -6.55 3.00
CA ASN B 22 22.29 -5.81 4.19
C ASN B 22 22.82 -4.43 3.86
N LYS B 23 22.23 -3.81 2.86
CA LYS B 23 22.61 -2.48 2.45
C LYS B 23 21.51 -1.50 2.85
N PRO B 24 21.85 -0.21 2.99
CA PRO B 24 20.86 0.75 3.46
C PRO B 24 19.86 1.13 2.39
N VAL B 25 18.61 1.37 2.78
CA VAL B 25 17.61 1.90 1.86
C VAL B 25 17.32 3.38 2.09
N ALA B 26 18.01 4.02 3.03
CA ALA B 26 17.67 5.41 3.38
C ALA B 26 17.83 6.36 2.20
N SER B 27 18.68 6.02 1.24
CA SER B 27 18.90 6.91 0.10
C SER B 27 17.70 6.96 -0.84
N GLY B 28 16.72 6.07 -0.64
CA GLY B 28 15.54 6.05 -1.48
C GLY B 28 14.38 6.92 -0.99
N TYR B 29 14.60 7.58 0.13
CA TYR B 29 13.57 8.41 0.75
C TYR B 29 13.79 9.90 0.40
N VAL B 30 12.70 10.67 0.40
CA VAL B 30 12.79 12.10 0.07
C VAL B 30 13.75 12.87 0.99
N ASN B 31 13.87 12.44 2.25
CA ASN B 31 14.71 13.12 3.23
C ASN B 31 16.12 13.39 2.74
N ASN B 32 16.61 12.50 1.90
CA ASN B 32 18.00 12.55 1.47
C ASN B 32 18.16 13.07 0.05
N ASN B 33 17.11 13.69 -0.47
CA ASN B 33 17.19 14.43 -1.73
C ASN B 33 17.16 15.94 -1.52
N ALA B 34 18.28 16.61 -1.83
CA ALA B 34 18.44 18.04 -1.58
C ALA B 34 17.40 18.86 -2.33
N THR B 35 17.09 18.47 -3.55
CA THR B 35 16.11 19.21 -4.34
C THR B 35 14.76 19.23 -3.62
N TYR B 36 14.32 18.07 -3.12
CA TYR B 36 13.04 18.01 -2.41
C TYR B 36 13.09 18.79 -1.11
N THR B 37 14.18 18.65 -0.37
CA THR B 37 14.23 19.25 0.97
C THR B 37 14.39 20.76 0.91
N LYS B 38 15.20 21.30 0.00
CA LYS B 38 15.31 22.77 -0.07
C LYS B 38 14.03 23.39 -0.62
N ALA B 39 13.20 22.59 -1.30
CA ALA B 39 11.88 23.02 -1.70
C ALA B 39 10.90 22.99 -0.54
N GLY B 40 11.32 22.46 0.61
CA GLY B 40 10.46 22.38 1.78
C GLY B 40 9.66 21.09 1.96
N HIS B 41 10.03 20.00 1.30
CA HIS B 41 9.27 18.78 1.50
C HIS B 41 9.43 18.29 2.95
N PRO B 42 8.34 17.83 3.58
CA PRO B 42 8.51 17.24 4.91
C PRO B 42 9.27 15.90 4.91
N PRO B 43 9.69 15.46 6.10
CA PRO B 43 10.37 14.15 6.11
C PRO B 43 9.38 13.08 5.71
N ALA B 44 9.88 11.97 5.18
CA ALA B 44 9.02 10.87 4.87
C ALA B 44 8.24 10.43 6.09
N ASP B 45 6.98 10.11 5.83
CA ASP B 45 6.10 9.53 6.84
C ASP B 45 6.25 8.03 6.83
N ILE B 46 6.87 7.51 7.87
CA ILE B 46 7.22 6.11 7.96
C ILE B 46 6.56 5.47 9.19
N THR B 47 5.82 4.39 8.96
CA THR B 47 5.24 3.58 10.03
C THR B 47 5.65 2.13 9.88
N ILE B 48 6.24 1.58 10.94
CA ILE B 48 6.77 0.22 10.90
C ILE B 48 6.05 -0.62 11.95
N ASN B 49 5.21 -1.54 11.49
CA ASN B 49 4.35 -2.34 12.35
C ASN B 49 3.62 -1.52 13.41
N GLY B 50 3.20 -0.35 13.03
CA GLY B 50 2.43 0.49 13.91
C GLY B 50 3.21 1.52 14.71
N ARG B 51 4.53 1.47 14.61
CA ARG B 51 5.37 2.46 15.25
C ARG B 51 5.81 3.53 14.26
N VAL B 52 5.52 4.79 14.56
CA VAL B 52 5.99 5.87 13.71
C VAL B 52 7.50 5.98 13.88
N VAL B 53 8.23 5.93 12.76
CA VAL B 53 9.68 5.95 12.79
C VAL B 53 10.12 7.27 12.15
N ALA B 54 10.93 8.04 12.87
CA ALA B 54 11.11 9.46 12.54
C ALA B 54 11.97 9.65 11.29
N THR B 55 12.91 8.74 11.07
CA THR B 55 13.82 8.86 9.94
C THR B 55 14.10 7.53 9.24
N PRO B 56 14.44 7.59 7.94
CA PRO B 56 14.82 6.39 7.18
C PRO B 56 16.03 5.69 7.79
N GLU B 57 16.93 6.47 8.37
CA GLU B 57 18.17 5.95 8.98
C GLU B 57 17.80 5.04 10.14
N GLU B 58 16.81 5.45 10.92
CA GLU B 58 16.36 4.63 12.03
C GLU B 58 15.73 3.32 11.55
N TRP B 59 15.00 3.37 10.42
CA TRP B 59 14.47 2.17 9.80
C TRP B 59 15.60 1.21 9.42
N ASP B 60 16.66 1.72 8.80
CA ASP B 60 17.80 0.87 8.46
C ASP B 60 18.37 0.22 9.73
N THR B 61 18.45 0.98 10.81
CA THR B 61 18.98 0.45 12.06
C THR B 61 18.07 -0.66 12.58
N MET B 62 16.76 -0.47 12.43
CA MET B 62 15.81 -1.49 12.88
C MET B 62 15.93 -2.77 12.07
N LEU B 63 16.18 -2.63 10.77
CA LEU B 63 16.37 -3.80 9.92
C LEU B 63 17.62 -4.56 10.36
N LYS B 64 18.65 -3.81 10.71
CA LYS B 64 19.89 -4.40 11.18
C LYS B 64 19.65 -5.14 12.50
N GLU B 65 18.90 -4.53 13.41
CA GLU B 65 18.61 -5.18 14.68
C GLU B 65 17.80 -6.47 14.49
N GLN B 66 16.86 -6.47 13.54
CA GLN B 66 16.04 -7.65 13.27
C GLN B 66 16.88 -8.84 12.84
N ARG B 67 17.92 -8.58 12.05
CA ARG B 67 18.76 -9.68 11.57
C ARG B 67 19.89 -10.02 12.55
N ALA B 68 20.01 -9.26 13.63
CA ALA B 68 21.08 -9.48 14.61
C ALA B 68 20.86 -10.78 15.37
N GLN B 69 21.95 -11.52 15.58
CA GLN B 69 21.92 -12.74 16.40
C GLN B 69 22.69 -12.51 17.71
N HIS B 70 22.01 -12.77 18.83
CA HIS B 70 22.61 -12.69 20.17
C HIS B 70 22.51 -14.09 20.78
N ASN B 71 23.30 -14.38 21.82
CA ASN B 71 23.55 -15.79 22.17
C ASN B 71 22.68 -16.45 23.25
N THR B 72 22.68 -17.79 23.18
CA THR B 72 21.79 -18.68 23.92
C THR B 72 20.38 -18.12 24.09
N SER B 76 20.84 -23.15 19.35
CA SER B 76 20.93 -21.72 19.63
C SER B 76 21.29 -20.89 18.38
N THR B 77 22.54 -21.02 17.91
CA THR B 77 23.03 -20.24 16.76
C THR B 77 22.70 -20.93 15.43
N LEU B 78 22.27 -20.15 14.44
CA LEU B 78 21.92 -20.69 13.13
C LEU B 78 23.13 -21.39 12.50
N PRO B 79 22.90 -22.57 11.91
CA PRO B 79 23.95 -23.24 11.12
C PRO B 79 24.48 -22.33 10.04
N ILE B 80 25.71 -22.54 9.61
CA ILE B 80 26.22 -21.69 8.57
C ILE B 80 25.39 -21.95 7.33
N GLY B 81 25.39 -20.99 6.44
CA GLY B 81 24.65 -21.16 5.22
C GLY B 81 23.20 -20.74 5.40
N ARG B 82 22.69 -20.67 6.64
CA ARG B 82 21.36 -20.07 6.84
C ARG B 82 21.44 -18.55 6.91
N LYS B 83 20.51 -17.90 6.23
CA LYS B 83 20.45 -16.47 6.16
C LYS B 83 19.49 -15.97 7.24
N PRO B 84 19.92 -15.01 8.09
CA PRO B 84 19.06 -14.60 9.18
C PRO B 84 17.69 -14.10 8.74
N VAL B 85 17.63 -13.20 7.76
CA VAL B 85 16.36 -12.63 7.31
C VAL B 85 16.34 -12.55 5.79
N ARG B 86 15.27 -13.02 5.17
CA ARG B 86 15.11 -12.85 3.74
C ARG B 86 13.68 -12.45 3.38
N TYR B 87 13.56 -11.41 2.56
CA TYR B 87 12.28 -10.92 2.06
C TYR B 87 12.03 -11.42 0.64
N ASP B 88 10.91 -12.12 0.42
CA ASP B 88 10.52 -12.57 -0.92
C ASP B 88 9.27 -11.84 -1.36
N VAL B 89 9.35 -11.12 -2.47
CA VAL B 89 8.17 -10.41 -2.98
C VAL B 89 7.30 -11.38 -3.78
N ASP B 90 6.03 -11.48 -3.42
CA ASP B 90 5.07 -12.29 -4.18
C ASP B 90 4.34 -11.49 -5.25
N CYS B 91 3.96 -10.27 -4.92
CA CYS B 91 3.22 -9.43 -5.86
C CYS B 91 3.43 -7.97 -5.52
N PHE B 92 3.31 -7.10 -6.52
CA PHE B 92 3.19 -5.68 -6.28
C PHE B 92 2.19 -5.11 -7.28
N ASP B 93 1.63 -3.96 -6.91
CA ASP B 93 0.62 -3.30 -7.71
C ASP B 93 0.79 -1.79 -7.49
N VAL B 94 0.55 -1.01 -8.54
CA VAL B 94 0.73 0.43 -8.44
C VAL B 94 -0.39 1.20 -9.14
N HIS B 95 -0.89 2.22 -8.46
CA HIS B 95 -1.86 3.16 -9.04
C HIS B 95 -1.24 4.55 -9.03
N VAL B 96 -1.56 5.33 -10.05
CA VAL B 96 -1.14 6.72 -10.10
C VAL B 96 -2.20 7.53 -9.35
N ILE B 97 -1.79 8.25 -8.31
CA ILE B 97 -2.74 9.07 -7.53
C ILE B 97 -2.61 10.56 -7.82
N ASN B 98 -1.56 10.97 -8.53
CA ASN B 98 -1.51 12.32 -9.10
C ASN B 98 -0.62 12.29 -10.32
N ALA B 99 -1.24 12.39 -11.49
CA ALA B 99 -0.53 12.30 -12.76
C ALA B 99 0.04 13.67 -13.18
N ASP B 100 -0.30 14.70 -12.42
CA ASP B 100 0.20 16.04 -12.63
C ASP B 100 0.99 16.49 -11.40
N TYR B 101 1.89 15.63 -10.93
CA TYR B 101 2.67 15.99 -9.73
C TYR B 101 3.70 17.06 -10.06
N ARG B 102 3.72 18.13 -9.26
CA ARG B 102 4.55 19.29 -9.56
C ARG B 102 5.48 19.72 -8.46
N PHE B 103 5.35 19.13 -7.28
CA PHE B 103 6.12 19.63 -6.16
C PHE B 103 7.65 19.48 -6.37
N ALA B 104 8.35 20.62 -6.24
CA ALA B 104 9.82 20.74 -6.44
C ALA B 104 10.26 20.46 -7.86
N ALA B 105 9.32 20.38 -8.79
CA ALA B 105 9.66 20.20 -10.19
C ALA B 105 10.37 21.41 -10.76
N PRO B 106 11.46 21.18 -11.50
CA PRO B 106 11.93 22.21 -12.43
C PRO B 106 10.87 22.52 -13.49
N GLN B 107 10.65 23.79 -13.78
CA GLN B 107 9.61 24.19 -14.73
C GLN B 107 9.74 23.47 -16.07
N ARG B 108 10.98 23.20 -16.47
CA ARG B 108 11.25 22.51 -17.72
C ARG B 108 10.59 21.13 -17.78
N MET B 109 10.60 20.42 -16.65
CA MET B 109 9.99 19.10 -16.57
C MET B 109 8.48 19.19 -16.65
N ILE B 110 7.93 20.26 -16.09
CA ILE B 110 6.51 20.54 -16.26
C ILE B 110 6.21 20.74 -17.73
N GLU B 111 7.03 21.53 -18.40
CA GLU B 111 6.78 21.87 -19.80
C GLU B 111 6.97 20.66 -20.72
N GLN B 112 8.04 19.90 -20.48
CA GLN B 112 8.42 18.73 -21.30
C GLN B 112 7.47 17.52 -21.19
N HIS B 113 6.84 17.32 -20.03
CA HIS B 113 6.05 16.12 -19.80
C HIS B 113 4.66 16.52 -19.31
N ALA B 114 3.64 16.25 -20.11
CA ALA B 114 2.25 16.53 -19.73
C ALA B 114 1.75 15.41 -18.80
N PRO B 115 0.60 15.64 -18.13
CA PRO B 115 0.11 14.59 -17.23
C PRO B 115 -0.14 13.25 -17.92
N THR B 116 -0.29 13.25 -19.24
CA THR B 116 -0.56 11.98 -19.93
C THR B 116 0.73 11.21 -20.24
N ASP B 117 1.89 11.73 -19.83
CA ASP B 117 3.16 11.29 -20.41
C ASP B 117 3.97 10.31 -19.57
N GLY B 118 3.45 9.90 -18.42
CA GLY B 118 4.06 8.82 -17.64
C GLY B 118 5.38 9.13 -16.97
N VAL B 119 5.62 10.40 -16.66
CA VAL B 119 6.83 10.81 -15.96
C VAL B 119 6.52 11.42 -14.59
N ARG B 120 5.68 12.46 -14.59
CA ARG B 120 5.42 13.23 -13.35
C ARG B 120 4.32 12.59 -12.53
N MET B 121 4.59 11.35 -12.10
CA MET B 121 3.61 10.50 -11.45
C MET B 121 3.86 10.36 -9.97
N MET B 122 2.85 10.68 -9.16
CA MET B 122 2.81 10.27 -7.78
C MET B 122 2.10 8.93 -7.73
N MET B 123 2.75 7.93 -7.14
CA MET B 123 2.25 6.57 -7.17
C MET B 123 1.99 6.01 -5.78
N ALA B 124 0.89 5.26 -5.68
CA ALA B 124 0.63 4.39 -4.54
C ALA B 124 0.97 2.97 -4.91
N LEU B 125 1.95 2.42 -4.20
CA LEU B 125 2.51 1.10 -4.44
C LEU B 125 2.21 0.19 -3.27
N THR B 126 1.65 -0.98 -3.55
CA THR B 126 1.47 -2.03 -2.55
C THR B 126 2.33 -3.24 -2.97
N VAL B 127 3.01 -3.81 -1.99
CA VAL B 127 3.88 -4.97 -2.14
C VAL B 127 3.52 -5.99 -1.08
N SER B 128 3.41 -7.26 -1.48
CA SER B 128 3.17 -8.34 -0.52
C SER B 128 4.08 -9.52 -0.78
N GLY B 129 4.41 -10.21 0.30
CA GLY B 129 5.21 -11.40 0.20
C GLY B 129 5.46 -12.01 1.55
N SER B 130 6.62 -12.65 1.67
CA SER B 130 6.96 -13.40 2.85
C SER B 130 8.31 -12.99 3.41
N VAL B 131 8.43 -13.09 4.72
CA VAL B 131 9.70 -12.87 5.42
C VAL B 131 10.14 -14.18 6.02
N TYR B 132 11.34 -14.65 5.65
CA TYR B 132 11.84 -15.92 6.13
C TYR B 132 12.98 -15.67 7.11
N PHE B 133 12.89 -16.28 8.28
CA PHE B 133 13.94 -16.15 9.29
C PHE B 133 14.71 -17.47 9.39
N GLY B 134 16.02 -17.43 9.20
CA GLY B 134 16.86 -18.63 9.36
C GLY B 134 16.81 -19.67 8.25
N ALA B 135 16.30 -19.29 7.07
CA ALA B 135 16.21 -20.23 5.96
C ALA B 135 17.46 -20.18 5.11
N SER B 136 17.73 -21.27 4.41
CA SER B 136 18.75 -21.27 3.37
C SER B 136 18.33 -20.25 2.30
N PRO B 137 19.32 -19.55 1.70
CA PRO B 137 19.00 -18.40 0.82
C PRO B 137 18.03 -18.67 -0.34
N ARG B 138 17.90 -19.92 -0.78
CA ARG B 138 16.98 -20.23 -1.88
C ARG B 138 15.89 -21.22 -1.48
N SER B 139 15.71 -21.40 -0.18
CA SER B 139 14.72 -22.33 0.32
C SER B 139 13.48 -21.60 0.82
N THR B 140 12.29 -22.18 0.61
CA THR B 140 11.06 -21.63 1.17
C THR B 140 10.48 -22.66 2.13
N ASP B 141 11.27 -23.65 2.53
CA ASP B 141 10.78 -24.71 3.42
C ASP B 141 11.57 -24.87 4.73
N ASP B 142 12.87 -24.55 4.76
CA ASP B 142 13.67 -24.84 5.96
C ASP B 142 13.82 -23.64 6.89
N TYR B 143 12.86 -22.71 6.84
CA TYR B 143 12.86 -21.57 7.74
C TYR B 143 12.57 -21.94 9.19
N VAL B 144 13.03 -21.12 10.13
CA VAL B 144 12.66 -21.25 11.54
C VAL B 144 11.32 -20.59 11.79
N ILE B 145 11.18 -19.37 11.26
CA ILE B 145 9.93 -18.61 11.33
C ILE B 145 9.62 -18.04 9.95
N LYS B 146 8.33 -17.94 9.63
CA LYS B 146 7.87 -17.32 8.39
C LYS B 146 6.77 -16.31 8.71
N GLN B 147 6.90 -15.10 8.20
CA GLN B 147 5.87 -14.09 8.28
C GLN B 147 5.33 -13.71 6.92
N HIS B 148 4.13 -13.18 6.92
CA HIS B 148 3.62 -12.48 5.74
C HIS B 148 3.97 -11.01 5.90
N PHE B 149 4.29 -10.31 4.80
CA PHE B 149 4.48 -8.87 4.90
C PHE B 149 3.70 -8.16 3.82
N ASN B 150 3.31 -6.95 4.17
CA ASN B 150 2.62 -6.03 3.29
C ASN B 150 3.22 -4.66 3.50
N ASP B 151 3.84 -4.13 2.45
CA ASP B 151 4.43 -2.81 2.41
C ASP B 151 3.60 -1.94 1.51
N VAL B 152 3.37 -0.69 1.91
CA VAL B 152 2.79 0.29 0.97
C VAL B 152 3.64 1.55 1.00
N PHE B 153 3.76 2.16 -0.17
CA PHE B 153 4.58 3.34 -0.36
C PHE B 153 3.83 4.40 -1.14
N ILE B 154 4.14 5.66 -0.88
CA ILE B 154 3.82 6.73 -1.83
C ILE B 154 5.15 7.16 -2.41
N LEU B 155 5.24 7.06 -3.75
CA LEU B 155 6.44 7.38 -4.51
C LEU B 155 6.26 8.67 -5.28
N VAL B 156 7.31 9.49 -5.31
CA VAL B 156 7.27 10.78 -6.03
C VAL B 156 8.49 10.91 -6.97
N PRO B 157 8.34 11.71 -8.04
CA PRO B 157 9.39 11.76 -9.07
C PRO B 157 10.71 12.35 -8.55
N ASN B 158 11.82 11.65 -8.81
CA ASN B 158 13.13 12.19 -8.52
C ASN B 158 13.61 13.04 -9.68
N TRP B 159 13.29 14.33 -9.61
CA TRP B 159 13.60 15.29 -10.67
C TRP B 159 15.06 15.24 -11.06
N ASP B 160 15.92 15.07 -10.07
CA ASP B 160 17.37 15.05 -10.29
C ASP B 160 17.77 14.01 -11.31
N VAL B 161 17.13 12.84 -11.25
CA VAL B 161 17.45 11.71 -12.11
C VAL B 161 16.67 11.73 -13.42
N LEU B 162 15.39 12.06 -13.33
CA LEU B 162 14.50 12.10 -14.49
C LEU B 162 14.92 13.20 -15.47
N GLU B 163 15.56 14.24 -14.95
CA GLU B 163 16.12 15.33 -15.76
C GLU B 163 17.11 14.84 -16.81
N LYS B 164 17.85 13.79 -16.46
CA LYS B 164 18.88 13.24 -17.34
C LYS B 164 18.33 12.17 -18.26
N ARG B 168 16.41 0.73 -13.78
CA ARG B 168 16.07 2.14 -13.94
C ARG B 168 15.98 2.86 -12.57
N SER B 169 14.96 2.52 -11.80
CA SER B 169 14.67 3.18 -10.52
C SER B 169 15.51 2.67 -9.36
N GLY B 170 15.06 2.96 -8.14
CA GLY B 170 15.91 2.96 -6.97
C GLY B 170 16.37 4.38 -6.80
N ARG B 171 16.29 5.14 -7.90
CA ARG B 171 16.57 6.55 -7.91
C ARG B 171 15.59 7.34 -8.81
N LYS B 172 14.81 6.69 -9.68
CA LYS B 172 13.86 7.43 -10.51
C LYS B 172 12.66 8.01 -9.74
N TYR B 173 12.21 7.27 -8.72
CA TYR B 173 11.14 7.70 -7.82
C TYR B 173 11.59 7.57 -6.38
N LEU B 174 11.17 8.50 -5.52
CA LEU B 174 11.61 8.56 -4.13
C LEU B 174 10.43 8.26 -3.22
N ILE B 175 10.71 7.74 -2.04
CA ILE B 175 9.66 7.41 -1.07
C ILE B 175 9.27 8.62 -0.25
N ALA B 176 8.00 9.01 -0.31
CA ALA B 176 7.48 10.10 0.53
C ALA B 176 6.73 9.59 1.76
N SER B 177 6.09 8.42 1.61
CA SER B 177 5.39 7.72 2.67
C SER B 177 5.61 6.23 2.55
N HIS B 178 5.63 5.56 3.70
CA HIS B 178 5.95 4.15 3.77
C HIS B 178 5.28 3.57 4.99
N LYS B 179 4.48 2.51 4.79
CA LYS B 179 3.96 1.66 5.87
C LYS B 179 4.30 0.19 5.66
N TYR B 180 4.87 -0.37 6.72
CA TYR B 180 5.31 -1.77 6.77
C TYR B 180 4.45 -2.54 7.75
N ARG B 181 3.97 -3.68 7.32
CA ARG B 181 3.34 -4.67 8.22
C ARG B 181 3.82 -6.07 8.01
N ALA B 182 4.07 -6.77 9.10
CA ALA B 182 4.42 -8.17 9.03
C ALA B 182 3.77 -8.89 10.20
N TYR B 183 3.32 -10.11 9.97
CA TYR B 183 2.60 -10.84 11.00
C TYR B 183 2.50 -12.30 10.64
N SER C 11 -4.89 22.91 0.93
CA SER C 11 -6.33 22.67 1.14
C SER C 11 -6.58 21.26 1.68
N SER C 12 -7.48 21.12 2.65
CA SER C 12 -7.80 19.80 3.21
C SER C 12 -9.23 19.64 3.72
N VAL C 13 -9.79 18.46 3.43
CA VAL C 13 -11.13 18.04 3.90
C VAL C 13 -11.05 17.05 5.10
N PHE C 14 -9.84 16.69 5.50
CA PHE C 14 -9.63 15.68 6.54
C PHE C 14 -9.39 16.31 7.91
N GLY C 15 -9.14 17.61 7.90
CA GLY C 15 -8.81 18.32 9.12
C GLY C 15 -7.33 18.11 9.45
N ALA C 16 -6.83 18.87 10.42
CA ALA C 16 -5.43 18.82 10.79
C ALA C 16 -5.16 17.59 11.63
N PRO C 17 -3.99 16.97 11.46
CA PRO C 17 -3.63 15.84 12.31
C PRO C 17 -3.35 16.28 13.74
N ALA C 18 -3.67 15.42 14.71
CA ALA C 18 -3.47 15.75 16.12
C ALA C 18 -2.26 15.01 16.68
#